data_5FC1
#
_entry.id   5FC1
#
_cell.length_a   123.650
_cell.length_b   131.870
_cell.length_c   80.060
_cell.angle_alpha   90.00
_cell.angle_beta   90.00
_cell.angle_gamma   90.00
#
_symmetry.space_group_name_H-M   'C 2 2 21'
#
loop_
_entity.id
_entity.type
_entity.pdbx_description
1 polymer 'Acid sphingomyelinase-like phosphodiesterase 3a'
2 branched 2-acetamido-2-deoxy-beta-D-glucopyranose-(1-4)-[alpha-L-fucopyranose-(1-6)]2-acetamido-2-deoxy-beta-D-glucopyranose
3 branched 2-acetamido-2-deoxy-beta-D-glucopyranose-(1-4)-2-acetamido-2-deoxy-beta-D-glucopyranose
4 branched alpha-D-mannopyranose-(1-3)-[alpha-D-mannopyranose-(1-6)]beta-D-mannopyranose-(1-4)-2-acetamido-2-deoxy-beta-D-glucopyranose-(1-4)-2-acetamido-2-deoxy-beta-D-glucopyranose
5 non-polymer 'ZINC ION'
6 non-polymer 2-acetamido-2-deoxy-beta-D-glucopyranose
7 non-polymer 'SULFATE ION'
8 non-polymer GLYCEROL
9 water water
#
_entity_poly.entity_id   1
_entity_poly.type   'polypeptide(L)'
_entity_poly.pdbx_seq_one_letter_code
;DRHHHHHHKLVPLAPADRAPAVGQFWHVTDLHLDPTYHITDDRTKVCASSKGANASNPGPFGDVLCDSPYQLILSAFDFI
KNSGQEASFMIWTGDSPPHVPVPELSTGTVIKVITNMTMTVQNLFPNLQVFPALGNHDYWPQDQLPIVTSKVYSAVADLW
KPWLGEEAISTLKKGGFYSQKVASNPGLRIISLNTNLYYGPNIMTLNKTDPANQFEWLENTLNSSLWNKEKVYIIAHVPV
GYLPYATDTPAIRQYYNEKLLDIFRRYSSVIAGQFYGHTHRDSLMVLSDKNGNPLNSVFVAPAVTPVKGVLQKETNNPGV
RLFQYKPGDYTLLDMVQYYLNLTEANLKGESNWTLEYVLTQAYSVADLQPKSLYALVQQFATKDSKQFLKYYHYYFVSYD
SSATCDQHCKTLQVCAIMNLDSMSYDDCLKQHL
;
_entity_poly.pdbx_strand_id   A
#
loop_
_chem_comp.id
_chem_comp.type
_chem_comp.name
_chem_comp.formula
BMA D-saccharide, beta linking beta-D-mannopyranose 'C6 H12 O6'
FUC L-saccharide, alpha linking alpha-L-fucopyranose 'C6 H12 O5'
GOL non-polymer GLYCEROL 'C3 H8 O3'
MAN D-saccharide, alpha linking alpha-D-mannopyranose 'C6 H12 O6'
NAG D-saccharide, beta linking 2-acetamido-2-deoxy-beta-D-glucopyranose 'C8 H15 N O6'
SO4 non-polymer 'SULFATE ION' 'O4 S -2'
ZN non-polymer 'ZINC ION' 'Zn 2'
#
# COMPACT_ATOMS: atom_id res chain seq x y z
N HIS A 8 12.20 31.88 36.99
CA HIS A 8 13.63 32.00 36.73
C HIS A 8 14.36 30.66 36.79
N LYS A 9 13.77 29.59 36.21
CA LYS A 9 14.29 28.24 36.37
C LYS A 9 14.28 27.37 35.11
N LEU A 10 13.92 27.89 33.93
CA LEU A 10 14.22 27.21 32.65
C LEU A 10 13.58 25.82 32.55
N VAL A 11 12.30 25.77 32.88
CA VAL A 11 11.48 24.57 32.75
C VAL A 11 10.76 24.65 31.42
N PRO A 12 10.66 23.56 30.64
CA PRO A 12 9.85 23.61 29.41
C PRO A 12 8.47 24.20 29.67
N LEU A 13 8.03 25.03 28.72
CA LEU A 13 6.75 25.73 28.82
C LEU A 13 5.63 24.74 28.60
N ALA A 14 4.69 24.71 29.54
CA ALA A 14 3.65 23.69 29.50
C ALA A 14 2.62 24.07 28.45
N PRO A 15 2.19 23.12 27.60
CA PRO A 15 1.08 23.42 26.68
C PRO A 15 -0.22 23.58 27.45
N ALA A 16 -1.15 24.31 26.84
CA ALA A 16 -2.45 24.55 27.46
C ALA A 16 -3.21 23.23 27.64
N ASP A 17 -4.28 23.30 28.43
CA ASP A 17 -5.13 22.14 28.69
C ASP A 17 -6.13 21.88 27.56
N ARG A 18 -5.68 22.03 26.31
CA ARG A 18 -6.42 21.60 25.14
C ARG A 18 -6.07 20.15 24.84
N ALA A 19 -6.87 19.52 23.98
CA ALA A 19 -6.54 18.16 23.54
C ALA A 19 -5.45 18.22 22.47
N PRO A 20 -4.41 17.38 22.55
CA PRO A 20 -3.43 17.31 21.46
C PRO A 20 -4.13 17.01 20.13
N ALA A 21 -3.66 17.63 19.06
CA ALA A 21 -4.24 17.31 17.77
C ALA A 21 -3.84 15.88 17.43
N VAL A 22 -4.65 15.23 16.63
CA VAL A 22 -4.20 13.95 16.15
C VAL A 22 -2.97 14.16 15.26
N GLY A 23 -2.18 13.11 15.13
CA GLY A 23 -1.16 13.04 14.13
C GLY A 23 -1.71 12.50 12.83
N GLN A 24 -1.05 12.85 11.70
CA GLN A 24 -1.52 12.38 10.39
C GLN A 24 -0.32 12.00 9.51
N PHE A 25 -0.53 11.01 8.64
CA PHE A 25 0.42 10.72 7.61
C PHE A 25 -0.30 10.28 6.35
N TRP A 26 0.33 10.53 5.21
CA TRP A 26 -0.18 10.12 3.92
C TRP A 26 0.38 8.76 3.52
N HIS A 27 -0.42 8.01 2.73
CA HIS A 27 0.02 6.77 2.09
C HIS A 27 -0.31 6.88 0.61
N VAL A 28 0.72 6.78 -0.22
CA VAL A 28 0.57 6.77 -1.68
CA VAL A 28 0.58 6.76 -1.67
C VAL A 28 1.26 5.50 -2.20
N THR A 29 0.73 4.93 -3.28
CA THR A 29 1.31 3.70 -3.78
C THR A 29 0.99 3.51 -5.25
N ASP A 30 1.80 2.69 -5.90
CA ASP A 30 1.49 2.18 -7.22
C ASP A 30 1.23 3.31 -8.21
N LEU A 31 2.19 4.20 -8.29
CA LEU A 31 2.11 5.34 -9.18
C LEU A 31 2.13 4.90 -10.63
N HIS A 32 3.05 3.97 -10.98
CA HIS A 32 3.13 3.43 -12.34
C HIS A 32 3.08 4.51 -13.42
N LEU A 33 4.05 5.38 -13.43
CA LEU A 33 4.19 6.38 -14.50
C LEU A 33 4.41 5.71 -15.83
N ASP A 34 3.61 6.09 -16.84
CA ASP A 34 3.89 5.70 -18.21
C ASP A 34 4.35 6.95 -18.97
N PRO A 35 5.65 7.14 -19.18
CA PRO A 35 6.15 8.30 -19.93
C PRO A 35 5.73 8.30 -21.37
N THR A 36 5.20 7.19 -21.91
CA THR A 36 4.81 7.19 -23.31
C THR A 36 3.44 7.78 -23.54
N TYR A 37 2.69 8.08 -22.48
CA TYR A 37 1.28 8.46 -22.64
C TYR A 37 1.13 9.73 -23.48
N HIS A 38 0.35 9.62 -24.56
CA HIS A 38 0.09 10.76 -25.42
CA HIS A 38 0.05 10.77 -25.36
C HIS A 38 -1.20 10.49 -26.15
N ILE A 39 -2.04 11.46 -26.25
CA ILE A 39 -3.28 11.28 -26.99
C ILE A 39 -2.97 11.35 -28.47
N THR A 40 -3.45 10.35 -29.22
CA THR A 40 -3.26 10.29 -30.66
C THR A 40 -4.45 9.51 -31.26
N ASP A 41 -4.65 9.66 -32.56
CA ASP A 41 -5.89 9.18 -33.13
C ASP A 41 -5.94 7.67 -33.10
N ASP A 42 -4.79 7.02 -33.38
CA ASP A 42 -4.69 5.56 -33.34
C ASP A 42 -4.58 5.22 -31.87
N ARG A 43 -5.69 4.73 -31.29
CA ARG A 43 -5.70 4.56 -29.85
C ARG A 43 -4.84 3.41 -29.39
N THR A 44 -4.26 2.62 -30.32
CA THR A 44 -3.25 1.63 -29.93
C THR A 44 -1.88 2.24 -29.71
N LYS A 45 -1.74 3.54 -29.91
CA LYS A 45 -0.46 4.24 -29.78
C LYS A 45 -0.54 5.31 -28.69
N VAL A 46 -1.61 5.31 -27.90
CA VAL A 46 -1.73 6.26 -26.81
C VAL A 46 -0.73 5.95 -25.70
N CYS A 47 -0.50 4.67 -25.41
CA CYS A 47 0.37 4.33 -24.29
C CYS A 47 0.94 2.96 -24.51
N ALA A 48 2.25 2.81 -24.26
CA ALA A 48 2.85 1.51 -24.40
C ALA A 48 2.25 0.51 -23.41
N SER A 49 1.79 1.00 -22.26
CA SER A 49 1.26 0.10 -21.24
C SER A 49 -0.01 -0.62 -21.68
N SER A 50 -0.69 -0.15 -22.72
CA SER A 50 -1.82 -0.94 -23.16
C SER A 50 -1.41 -2.07 -24.07
N LYS A 51 -0.13 -2.17 -24.42
CA LYS A 51 0.39 -3.32 -25.14
C LYS A 51 -0.39 -3.59 -26.42
N GLY A 52 -0.71 -2.54 -27.11
CA GLY A 52 -1.35 -2.62 -28.41
C GLY A 52 -2.85 -2.60 -28.38
N ALA A 53 -3.48 -2.67 -27.19
CA ALA A 53 -4.93 -2.53 -27.14
C ALA A 53 -5.27 -1.07 -27.43
N ASN A 54 -6.44 -0.84 -28.01
CA ASN A 54 -6.98 0.52 -28.12
C ASN A 54 -7.31 1.07 -26.75
N ALA A 55 -6.71 2.20 -26.38
CA ALA A 55 -7.18 2.91 -25.20
C ALA A 55 -8.69 3.15 -25.34
N SER A 56 -9.39 3.08 -24.21
CA SER A 56 -10.84 3.00 -24.23
C SER A 56 -11.49 4.38 -24.41
N ASN A 57 -11.03 5.36 -23.67
CA ASN A 57 -11.65 6.68 -23.74
C ASN A 57 -10.65 7.64 -23.14
N PRO A 58 -9.51 7.82 -23.78
CA PRO A 58 -8.38 8.47 -23.11
C PRO A 58 -8.58 9.97 -22.98
N GLY A 59 -8.06 10.49 -21.86
CA GLY A 59 -8.09 11.91 -21.61
C GLY A 59 -6.80 12.36 -20.96
N PRO A 60 -6.76 13.61 -20.52
CA PRO A 60 -5.51 14.15 -19.97
C PRO A 60 -5.05 13.49 -18.71
N PHE A 61 -5.95 12.87 -17.96
CA PHE A 61 -5.58 12.24 -16.71
C PHE A 61 -5.43 10.74 -16.83
N GLY A 62 -5.62 10.18 -18.03
CA GLY A 62 -5.33 8.78 -18.27
C GLY A 62 -6.49 8.05 -18.91
N ASP A 63 -6.36 6.73 -18.86
CA ASP A 63 -7.32 5.83 -19.47
C ASP A 63 -7.27 4.55 -18.67
N VAL A 64 -8.39 3.85 -18.60
CA VAL A 64 -8.38 2.60 -17.84
C VAL A 64 -7.48 1.52 -18.43
N LEU A 65 -7.10 1.61 -19.72
CA LEU A 65 -6.20 0.60 -20.29
C LEU A 65 -4.74 1.04 -20.25
N CYS A 66 -4.47 2.15 -19.59
CA CYS A 66 -3.11 2.73 -19.55
C CYS A 66 -2.68 2.95 -18.12
N ASP A 67 -1.35 2.96 -17.93
CA ASP A 67 -0.77 3.43 -16.69
C ASP A 67 -0.78 4.96 -16.68
N SER A 68 -0.23 5.54 -15.61
CA SER A 68 -0.55 6.91 -15.28
C SER A 68 0.21 7.88 -16.18
N PRO A 69 -0.46 8.84 -16.80
CA PRO A 69 0.25 9.99 -17.34
C PRO A 69 0.92 10.77 -16.22
N TYR A 70 2.03 11.44 -16.54
CA TYR A 70 2.66 12.28 -15.54
C TYR A 70 1.67 13.28 -14.96
N GLN A 71 0.72 13.81 -15.77
CA GLN A 71 -0.26 14.76 -15.23
C GLN A 71 -1.11 14.16 -14.14
N LEU A 72 -1.44 12.89 -14.23
CA LEU A 72 -2.24 12.26 -13.17
C LEU A 72 -1.46 12.22 -11.87
N ILE A 73 -0.21 11.79 -11.92
CA ILE A 73 0.61 11.71 -10.72
C ILE A 73 0.81 13.11 -10.14
N LEU A 74 1.09 14.09 -11.01
CA LEU A 74 1.24 15.44 -10.52
CA LEU A 74 1.23 15.45 -10.51
C LEU A 74 -0.06 15.92 -9.86
N SER A 75 -1.21 15.56 -10.41
CA SER A 75 -2.46 16.03 -9.81
C SER A 75 -2.67 15.42 -8.43
N ALA A 76 -2.23 14.17 -8.24
CA ALA A 76 -2.36 13.55 -6.94
C ALA A 76 -1.49 14.25 -5.90
N PHE A 77 -0.22 14.52 -6.23
CA PHE A 77 0.67 15.17 -5.26
C PHE A 77 0.29 16.62 -5.07
N ASP A 78 -0.16 17.31 -6.13
CA ASP A 78 -0.66 18.67 -5.96
C ASP A 78 -1.87 18.71 -5.04
N PHE A 79 -2.76 17.75 -5.16
CA PHE A 79 -3.86 17.67 -4.22
C PHE A 79 -3.36 17.55 -2.78
N ILE A 80 -2.42 16.63 -2.53
CA ILE A 80 -1.89 16.48 -1.19
C ILE A 80 -1.32 17.81 -0.69
N LYS A 81 -0.49 18.43 -1.52
CA LYS A 81 0.18 19.66 -1.16
C LYS A 81 -0.81 20.77 -0.81
N ASN A 82 -1.93 20.84 -1.56
CA ASN A 82 -2.89 21.91 -1.40
C ASN A 82 -4.08 21.54 -0.54
N SER A 83 -4.03 20.37 0.12
CA SER A 83 -5.20 19.84 0.79
C SER A 83 -5.53 20.54 2.08
N GLY A 84 -4.59 21.27 2.64
CA GLY A 84 -4.79 21.85 3.95
C GLY A 84 -4.66 20.84 5.10
N GLN A 85 -4.31 19.60 4.81
CA GLN A 85 -4.11 18.64 5.87
C GLN A 85 -2.66 18.72 6.33
N GLU A 86 -2.48 18.75 7.61
CA GLU A 86 -1.13 18.64 8.16
C GLU A 86 -0.76 17.17 8.17
N ALA A 87 0.49 16.89 7.89
CA ALA A 87 1.02 15.54 7.94
C ALA A 87 2.46 15.56 8.37
N SER A 88 2.82 14.62 9.25
CA SER A 88 4.18 14.63 9.70
C SER A 88 5.11 13.70 8.92
N PHE A 89 4.58 12.84 8.09
CA PHE A 89 5.39 12.01 7.20
C PHE A 89 4.47 11.43 6.13
N MET A 90 5.07 10.75 5.20
CA MET A 90 4.34 10.02 4.16
C MET A 90 5.02 8.67 3.98
N ILE A 91 4.20 7.65 3.71
CA ILE A 91 4.67 6.35 3.30
C ILE A 91 4.35 6.11 1.84
N TRP A 92 5.26 5.48 1.14
CA TRP A 92 5.17 5.38 -0.34
C TRP A 92 5.60 3.96 -0.71
N THR A 93 4.62 3.10 -1.01
CA THR A 93 4.88 1.67 -1.07
C THR A 93 5.08 1.09 -2.46
N GLY A 94 5.74 1.81 -3.36
CA GLY A 94 6.39 1.17 -4.49
C GLY A 94 5.61 1.20 -5.79
N ASP A 95 6.26 0.62 -6.81
CA ASP A 95 5.75 0.34 -8.16
C ASP A 95 5.64 1.54 -9.05
N SER A 96 6.79 2.08 -9.41
CA SER A 96 6.90 3.30 -10.20
C SER A 96 6.94 3.12 -11.72
N PRO A 97 7.64 2.16 -12.28
CA PRO A 97 7.63 2.01 -13.76
C PRO A 97 6.31 1.41 -14.24
N PRO A 98 6.03 1.54 -15.54
CA PRO A 98 4.77 1.08 -16.09
C PRO A 98 4.77 -0.40 -16.45
N HIS A 99 3.57 -0.91 -16.72
CA HIS A 99 3.35 -2.29 -17.15
C HIS A 99 3.61 -2.39 -18.65
N VAL A 100 4.86 -2.68 -19.00
CA VAL A 100 5.26 -2.95 -20.38
C VAL A 100 6.10 -4.19 -20.39
N PRO A 101 6.25 -4.81 -21.55
CA PRO A 101 7.12 -5.98 -21.64
C PRO A 101 8.54 -5.69 -21.23
N VAL A 102 9.19 -6.72 -20.67
CA VAL A 102 10.54 -6.63 -20.14
C VAL A 102 11.51 -6.01 -21.15
N PRO A 103 11.49 -6.38 -22.45
CA PRO A 103 12.42 -5.75 -23.40
C PRO A 103 12.21 -4.26 -23.62
N GLU A 104 11.07 -3.70 -23.24
CA GLU A 104 10.85 -2.26 -23.38
C GLU A 104 11.37 -1.47 -22.19
N LEU A 105 11.95 -2.13 -21.20
CA LEU A 105 12.58 -1.49 -20.07
C LEU A 105 14.05 -1.90 -20.02
N SER A 106 14.73 -1.38 -18.99
CA SER A 106 16.11 -1.71 -18.68
C SER A 106 16.35 -1.27 -17.24
N THR A 107 17.48 -1.67 -16.68
CA THR A 107 17.83 -1.20 -15.34
C THR A 107 17.89 0.31 -15.33
N GLY A 108 18.56 0.88 -16.32
CA GLY A 108 18.68 2.32 -16.35
C GLY A 108 17.35 3.03 -16.46
N THR A 109 16.43 2.45 -17.22
CA THR A 109 15.11 3.06 -17.36
C THR A 109 14.30 2.95 -16.08
N VAL A 110 14.36 1.81 -15.41
CA VAL A 110 13.70 1.68 -14.11
C VAL A 110 14.22 2.74 -13.14
N ILE A 111 15.55 2.92 -13.11
CA ILE A 111 16.13 3.86 -12.17
C ILE A 111 15.71 5.28 -12.53
N LYS A 112 15.62 5.56 -13.83
CA LYS A 112 15.20 6.89 -14.26
C LYS A 112 13.78 7.19 -13.79
N VAL A 113 12.89 6.23 -13.91
CA VAL A 113 11.50 6.44 -13.48
C VAL A 113 11.41 6.62 -11.96
N ILE A 114 12.09 5.75 -11.20
CA ILE A 114 12.10 5.89 -9.74
C ILE A 114 12.71 7.25 -9.34
N THR A 115 13.78 7.67 -10.03
CA THR A 115 14.36 8.99 -9.78
C THR A 115 13.35 10.09 -10.04
N ASN A 116 12.63 10.01 -11.17
CA ASN A 116 11.63 11.02 -11.48
C ASN A 116 10.58 11.11 -10.36
N MET A 117 10.02 9.97 -9.96
CA MET A 117 9.03 10.03 -8.90
C MET A 117 9.63 10.56 -7.60
N THR A 118 10.82 10.08 -7.22
CA THR A 118 11.43 10.55 -5.98
C THR A 118 11.64 12.06 -6.04
N MET A 119 12.20 12.56 -7.14
CA MET A 119 12.47 14.00 -7.23
CA MET A 119 12.47 13.99 -7.22
C MET A 119 11.17 14.80 -7.27
N THR A 120 10.11 14.27 -7.90
CA THR A 120 8.81 14.94 -7.87
C THR A 120 8.36 15.16 -6.43
N VAL A 121 8.45 14.11 -5.60
CA VAL A 121 8.05 14.20 -4.22
C VAL A 121 8.93 15.18 -3.48
N GLN A 122 10.26 15.08 -3.66
CA GLN A 122 11.17 15.97 -2.94
C GLN A 122 10.94 17.42 -3.34
N ASN A 123 10.65 17.64 -4.61
CA ASN A 123 10.41 19.02 -5.06
C ASN A 123 9.14 19.63 -4.46
N LEU A 124 8.09 18.83 -4.38
CA LEU A 124 6.81 19.33 -3.90
C LEU A 124 6.72 19.36 -2.39
N PHE A 125 7.47 18.52 -1.70
CA PHE A 125 7.38 18.32 -0.25
C PHE A 125 8.77 18.41 0.35
N PRO A 126 9.42 19.56 0.25
CA PRO A 126 10.83 19.60 0.69
C PRO A 126 11.03 19.37 2.15
N ASN A 127 9.99 19.55 2.97
CA ASN A 127 10.14 19.45 4.41
C ASN A 127 9.56 18.17 4.99
N LEU A 128 9.18 17.21 4.13
CA LEU A 128 8.43 16.03 4.56
C LEU A 128 9.34 14.79 4.52
N GLN A 129 9.41 14.08 5.63
CA GLN A 129 10.09 12.80 5.63
C GLN A 129 9.18 11.75 4.99
N VAL A 130 9.74 11.02 4.01
CA VAL A 130 8.99 10.04 3.25
C VAL A 130 9.69 8.71 3.46
N PHE A 131 8.88 7.66 3.65
CA PHE A 131 9.36 6.30 3.85
C PHE A 131 8.98 5.44 2.68
N PRO A 132 9.89 5.19 1.73
CA PRO A 132 9.51 4.38 0.57
C PRO A 132 9.72 2.90 0.86
N ALA A 133 9.04 2.11 0.07
CA ALA A 133 9.29 0.69 -0.07
C ALA A 133 9.39 0.39 -1.57
N LEU A 134 10.16 -0.62 -1.89
CA LEU A 134 10.26 -1.08 -3.27
C LEU A 134 9.09 -1.93 -3.64
N GLY A 135 8.67 -1.79 -4.89
CA GLY A 135 7.68 -2.68 -5.47
C GLY A 135 8.29 -3.65 -6.47
N ASN A 136 7.44 -4.57 -6.94
CA ASN A 136 7.96 -5.60 -7.82
C ASN A 136 8.31 -5.11 -9.20
N HIS A 137 7.77 -3.99 -9.61
CA HIS A 137 8.14 -3.36 -10.85
C HIS A 137 9.32 -2.45 -10.71
N ASP A 138 9.81 -2.27 -9.48
CA ASP A 138 10.97 -1.40 -9.21
C ASP A 138 12.29 -2.11 -9.37
N TYR A 139 12.39 -2.88 -10.46
CA TYR A 139 13.58 -3.68 -10.73
C TYR A 139 13.50 -4.11 -12.19
N TRP A 140 14.67 -4.40 -12.77
CA TRP A 140 14.69 -4.93 -14.13
C TRP A 140 15.50 -6.22 -14.20
N PRO A 141 14.91 -7.29 -14.73
CA PRO A 141 13.50 -7.41 -15.14
C PRO A 141 12.55 -7.35 -13.95
N GLN A 142 11.28 -7.04 -14.22
CA GLN A 142 10.31 -6.96 -13.15
C GLN A 142 10.25 -8.23 -12.37
N ASP A 143 10.03 -8.07 -11.07
CA ASP A 143 9.79 -9.12 -10.09
C ASP A 143 11.07 -9.85 -9.67
N GLN A 144 12.22 -9.61 -10.32
CA GLN A 144 13.41 -10.41 -10.05
C GLN A 144 14.32 -9.76 -9.00
N LEU A 145 13.72 -9.32 -7.91
CA LEU A 145 14.47 -8.57 -6.91
C LEU A 145 15.48 -9.48 -6.24
N PRO A 146 16.73 -9.07 -6.12
CA PRO A 146 17.79 -10.00 -5.73
C PRO A 146 18.00 -10.04 -4.21
N ILE A 147 18.82 -11.01 -3.78
CA ILE A 147 19.11 -11.24 -2.37
C ILE A 147 20.44 -10.67 -1.96
N VAL A 148 21.12 -9.96 -2.86
CA VAL A 148 22.39 -9.28 -2.61
C VAL A 148 22.32 -7.90 -3.25
N THR A 149 23.36 -7.10 -3.04
CA THR A 149 23.30 -5.74 -3.53
C THR A 149 23.25 -5.71 -5.07
N SER A 150 22.73 -4.61 -5.58
CA SER A 150 22.42 -4.51 -6.98
C SER A 150 22.42 -3.04 -7.35
N LYS A 151 22.41 -2.77 -8.67
CA LYS A 151 22.42 -1.38 -9.11
C LYS A 151 21.16 -0.64 -8.64
N VAL A 152 20.01 -1.30 -8.70
CA VAL A 152 18.78 -0.65 -8.25
C VAL A 152 18.82 -0.36 -6.77
N TYR A 153 19.25 -1.34 -5.96
CA TYR A 153 19.26 -1.10 -4.53
C TYR A 153 20.20 0.05 -4.20
N SER A 154 21.38 0.07 -4.81
CA SER A 154 22.30 1.18 -4.61
CA SER A 154 22.30 1.18 -4.61
C SER A 154 21.71 2.51 -5.05
N ALA A 155 21.02 2.51 -6.20
CA ALA A 155 20.43 3.74 -6.70
C ALA A 155 19.35 4.28 -5.77
N VAL A 156 18.48 3.42 -5.26
CA VAL A 156 17.43 3.95 -4.42
C VAL A 156 17.99 4.34 -3.06
N ALA A 157 19.04 3.66 -2.57
CA ALA A 157 19.66 4.13 -1.34
C ALA A 157 20.19 5.54 -1.50
N ASP A 158 20.75 5.84 -2.66
CA ASP A 158 21.23 7.20 -2.89
C ASP A 158 20.07 8.18 -2.99
N LEU A 159 19.00 7.79 -3.69
CA LEU A 159 17.86 8.68 -3.89
C LEU A 159 17.13 8.97 -2.61
N TRP A 160 17.10 8.03 -1.67
CA TRP A 160 16.31 8.15 -0.48
C TRP A 160 17.12 8.59 0.73
N LYS A 161 18.43 8.89 0.56
CA LYS A 161 19.27 9.43 1.61
C LYS A 161 18.67 10.62 2.31
N PRO A 162 17.97 11.54 1.66
CA PRO A 162 17.45 12.70 2.40
C PRO A 162 16.51 12.32 3.51
N TRP A 163 15.89 11.12 3.42
CA TRP A 163 14.87 10.72 4.37
C TRP A 163 15.35 9.69 5.38
N LEU A 164 16.47 9.06 5.14
CA LEU A 164 16.88 7.86 5.86
C LEU A 164 18.29 8.02 6.42
N GLY A 165 18.45 7.51 7.64
CA GLY A 165 19.73 7.49 8.33
C GLY A 165 20.71 6.47 7.76
N GLU A 166 21.91 6.49 8.30
CA GLU A 166 23.00 5.70 7.73
CA GLU A 166 23.01 5.70 7.74
C GLU A 166 22.72 4.21 7.80
N GLU A 167 22.13 3.75 8.90
CA GLU A 167 21.91 2.32 9.02
C GLU A 167 20.86 1.86 8.02
N ALA A 168 19.81 2.67 7.84
CA ALA A 168 18.75 2.33 6.86
C ALA A 168 19.29 2.29 5.45
N ILE A 169 20.17 3.25 5.13
CA ILE A 169 20.78 3.26 3.82
C ILE A 169 21.60 2.01 3.59
N SER A 170 22.30 1.55 4.63
CA SER A 170 23.15 0.37 4.49
CA SER A 170 23.16 0.37 4.48
C SER A 170 22.34 -0.89 4.24
N THR A 171 21.21 -1.07 4.97
CA THR A 171 20.40 -2.26 4.72
C THR A 171 19.68 -2.17 3.40
N LEU A 172 19.28 -0.98 2.99
CA LEU A 172 18.56 -0.82 1.73
C LEU A 172 19.48 -1.23 0.59
N LYS A 173 20.76 -0.82 0.68
CA LYS A 173 21.69 -1.10 -0.38
C LYS A 173 21.92 -2.60 -0.52
N LYS A 174 21.83 -3.35 0.57
CA LYS A 174 22.14 -4.77 0.55
C LYS A 174 20.96 -5.64 0.20
N GLY A 175 19.73 -5.25 0.58
CA GLY A 175 18.59 -6.13 0.44
C GLY A 175 17.27 -5.47 0.11
N GLY A 176 17.26 -4.15 -0.03
CA GLY A 176 16.03 -3.47 -0.38
C GLY A 176 15.05 -3.24 0.75
N PHE A 177 15.52 -3.29 2.02
CA PHE A 177 14.68 -3.12 3.20
C PHE A 177 15.41 -2.29 4.23
N TYR A 178 14.66 -1.70 5.15
CA TYR A 178 15.26 -0.90 6.21
C TYR A 178 14.25 -0.67 7.31
N SER A 179 14.77 -0.24 8.48
CA SER A 179 13.90 0.39 9.46
C SER A 179 14.47 1.79 9.75
N GLN A 180 13.57 2.67 10.19
CA GLN A 180 13.95 4.07 10.42
C GLN A 180 13.05 4.72 11.47
N LYS A 181 13.67 5.32 12.47
CA LYS A 181 12.90 6.12 13.43
C LYS A 181 12.28 7.33 12.73
N VAL A 182 11.08 7.69 13.11
CA VAL A 182 10.39 8.82 12.51
C VAL A 182 10.77 10.08 13.27
N ALA A 183 11.44 11.00 12.57
CA ALA A 183 12.02 12.16 13.22
C ALA A 183 10.95 12.94 13.99
N SER A 184 9.81 13.19 13.36
CA SER A 184 8.79 14.03 13.96
C SER A 184 7.98 13.31 15.05
N ASN A 185 8.23 12.00 15.30
CA ASN A 185 7.35 11.17 16.14
C ASN A 185 8.19 10.23 17.03
N PRO A 186 8.79 10.77 18.08
CA PRO A 186 9.61 9.95 18.99
C PRO A 186 8.85 8.73 19.51
N GLY A 187 9.51 7.58 19.46
CA GLY A 187 8.89 6.35 19.86
C GLY A 187 8.31 5.54 18.74
N LEU A 188 8.26 6.10 17.53
CA LEU A 188 7.72 5.39 16.36
C LEU A 188 8.83 5.04 15.39
N ARG A 189 8.80 3.80 14.91
CA ARG A 189 9.75 3.29 13.93
C ARG A 189 8.96 2.72 12.76
N ILE A 190 9.41 3.04 11.55
CA ILE A 190 8.91 2.44 10.31
C ILE A 190 9.82 1.29 9.92
N ILE A 191 9.22 0.12 9.63
CA ILE A 191 9.95 -1.00 9.07
C ILE A 191 9.43 -1.14 7.65
N SER A 192 10.30 -0.97 6.69
CA SER A 192 9.98 -1.05 5.26
C SER A 192 10.55 -2.37 4.74
N LEU A 193 9.66 -3.34 4.55
CA LEU A 193 10.06 -4.64 4.09
C LEU A 193 10.07 -4.70 2.58
N ASN A 194 10.95 -5.57 2.05
CA ASN A 194 10.99 -5.94 0.63
C ASN A 194 10.20 -7.25 0.49
N THR A 195 8.87 -7.15 0.39
CA THR A 195 8.11 -8.38 0.30
C THR A 195 8.13 -8.94 -1.11
N ASN A 196 8.77 -8.22 -2.04
CA ASN A 196 8.96 -8.77 -3.38
C ASN A 196 9.91 -9.99 -3.35
N LEU A 197 10.69 -10.13 -2.30
CA LEU A 197 11.51 -11.30 -2.16
C LEU A 197 10.67 -12.54 -1.97
N TYR A 198 9.42 -12.37 -1.57
CA TYR A 198 8.53 -13.49 -1.30
C TYR A 198 7.47 -13.68 -2.39
N TYR A 199 7.49 -12.86 -3.43
CA TYR A 199 6.46 -12.84 -4.47
C TYR A 199 6.72 -13.93 -5.48
N GLY A 200 5.65 -14.65 -5.82
CA GLY A 200 5.77 -15.85 -6.63
C GLY A 200 6.63 -15.77 -7.87
N PRO A 201 6.52 -14.70 -8.67
CA PRO A 201 7.30 -14.66 -9.91
C PRO A 201 8.79 -14.45 -9.73
N ASN A 202 9.29 -14.25 -8.51
CA ASN A 202 10.71 -13.96 -8.27
C ASN A 202 11.55 -15.23 -8.34
N ILE A 203 12.27 -15.44 -9.44
CA ILE A 203 13.11 -16.63 -9.59
C ILE A 203 14.25 -16.59 -8.60
N MET A 204 14.65 -15.38 -8.19
CA MET A 204 15.88 -15.23 -7.44
CA MET A 204 15.88 -15.23 -7.44
C MET A 204 15.75 -15.79 -6.03
N THR A 205 14.54 -16.00 -5.53
CA THR A 205 14.35 -16.48 -4.17
C THR A 205 13.75 -17.87 -4.11
N LEU A 206 13.65 -18.58 -5.23
CA LEU A 206 13.11 -19.94 -5.19
C LEU A 206 13.87 -20.81 -4.20
N ASN A 207 13.12 -21.46 -3.33
CA ASN A 207 13.64 -22.41 -2.37
C ASN A 207 14.57 -21.80 -1.34
N LYS A 208 14.54 -20.50 -1.14
CA LYS A 208 15.34 -19.88 -0.09
C LYS A 208 14.56 -19.76 1.21
N THR A 209 15.14 -20.23 2.32
CA THR A 209 14.40 -20.15 3.60
C THR A 209 14.34 -18.74 4.15
N ASP A 210 15.38 -17.93 3.92
CA ASP A 210 15.41 -16.57 4.45
C ASP A 210 16.16 -15.67 3.48
N PRO A 211 15.54 -15.38 2.33
CA PRO A 211 16.22 -14.53 1.34
C PRO A 211 16.63 -13.16 1.89
N ALA A 212 17.90 -12.84 1.66
CA ALA A 212 18.53 -11.60 2.12
C ALA A 212 18.50 -11.46 3.63
N ASN A 213 18.26 -12.55 4.35
CA ASN A 213 18.24 -12.55 5.81
C ASN A 213 17.18 -11.61 6.37
N GLN A 214 16.14 -11.29 5.57
CA GLN A 214 15.14 -10.34 6.02
C GLN A 214 14.34 -10.86 7.22
N PHE A 215 14.08 -12.16 7.33
CA PHE A 215 13.31 -12.62 8.48
C PHE A 215 14.12 -12.46 9.76
N GLU A 216 15.39 -12.90 9.74
CA GLU A 216 16.25 -12.75 10.90
C GLU A 216 16.36 -11.28 11.30
N TRP A 217 16.58 -10.43 10.30
CA TRP A 217 16.68 -9.00 10.55
C TRP A 217 15.39 -8.43 11.10
N LEU A 218 14.26 -8.87 10.57
CA LEU A 218 12.96 -8.38 11.06
C LEU A 218 12.72 -8.80 12.52
N GLU A 219 13.00 -10.07 12.84
CA GLU A 219 12.84 -10.55 14.21
C GLU A 219 13.70 -9.71 15.15
N ASN A 220 14.97 -9.47 14.77
CA ASN A 220 15.86 -8.71 15.63
C ASN A 220 15.36 -7.28 15.77
N THR A 221 14.89 -6.69 14.66
CA THR A 221 14.41 -5.32 14.72
C THR A 221 13.18 -5.21 15.62
N LEU A 222 12.24 -6.16 15.48
CA LEU A 222 11.05 -6.10 16.31
C LEU A 222 11.38 -6.35 17.77
N ASN A 223 12.30 -7.26 18.04
CA ASN A 223 12.66 -7.50 19.42
C ASN A 223 13.30 -6.27 20.04
N SER A 224 14.15 -5.59 19.28
CA SER A 224 14.73 -4.35 19.79
CA SER A 224 14.74 -4.35 19.78
C SER A 224 13.66 -3.31 20.04
N SER A 225 12.68 -3.18 19.14
CA SER A 225 11.61 -2.23 19.37
C SER A 225 10.81 -2.58 20.61
N LEU A 226 10.55 -3.88 20.81
CA LEU A 226 9.83 -4.33 22.01
C LEU A 226 10.56 -3.88 23.27
N TRP A 227 11.87 -4.13 23.33
CA TRP A 227 12.62 -3.82 24.54
C TRP A 227 12.91 -2.33 24.73
N ASN A 228 12.86 -1.56 23.66
CA ASN A 228 13.08 -0.12 23.70
C ASN A 228 11.77 0.64 23.73
N LYS A 229 10.66 -0.07 23.92
CA LYS A 229 9.31 0.51 24.08
C LYS A 229 8.91 1.40 22.92
N GLU A 230 9.32 1.00 21.73
CA GLU A 230 8.88 1.63 20.50
C GLU A 230 7.59 0.98 20.01
N LYS A 231 6.87 1.73 19.16
CA LYS A 231 5.85 1.16 18.32
C LYS A 231 6.32 1.19 16.87
N VAL A 232 5.78 0.25 16.07
CA VAL A 232 6.25 0.02 14.70
C VAL A 232 5.06 0.12 13.76
N TYR A 233 5.28 0.80 12.63
CA TYR A 233 4.41 0.65 11.46
C TYR A 233 5.19 -0.12 10.40
N ILE A 234 4.63 -1.26 9.94
CA ILE A 234 5.19 -2.05 8.87
C ILE A 234 4.64 -1.53 7.57
N ILE A 235 5.54 -1.25 6.61
CA ILE A 235 5.12 -0.90 5.25
C ILE A 235 5.81 -1.87 4.30
N ALA A 236 5.12 -2.18 3.22
CA ALA A 236 5.69 -3.02 2.18
C ALA A 236 4.83 -2.94 0.94
N HIS A 237 5.33 -3.50 -0.16
CA HIS A 237 4.57 -3.48 -1.39
C HIS A 237 3.54 -4.60 -1.47
N VAL A 238 4.01 -5.83 -1.63
CA VAL A 238 3.06 -6.97 -1.72
C VAL A 238 2.57 -7.29 -0.32
N PRO A 239 1.27 -7.45 -0.12
CA PRO A 239 0.79 -7.75 1.23
C PRO A 239 0.93 -9.20 1.63
N VAL A 240 0.81 -9.41 2.95
CA VAL A 240 0.51 -10.72 3.48
C VAL A 240 -0.94 -11.12 3.23
N GLY A 241 -1.28 -12.36 3.57
CA GLY A 241 -2.63 -12.80 3.42
C GLY A 241 -3.01 -13.29 2.03
N TYR A 242 -4.32 -13.39 1.78
CA TYR A 242 -4.88 -14.04 0.62
C TYR A 242 -5.47 -13.01 -0.32
N LEU A 243 -5.41 -13.30 -1.62
CA LEU A 243 -6.04 -12.42 -2.60
C LEU A 243 -7.55 -12.46 -2.41
N PRO A 244 -8.24 -11.32 -2.37
CA PRO A 244 -9.66 -11.37 -2.03
C PRO A 244 -10.55 -11.72 -3.18
N TYR A 245 -10.00 -11.73 -4.38
CA TYR A 245 -10.72 -11.99 -5.62
C TYR A 245 -10.46 -13.36 -6.22
N ALA A 246 -9.68 -14.18 -5.54
CA ALA A 246 -9.33 -15.50 -6.00
C ALA A 246 -9.50 -16.46 -4.85
N THR A 247 -9.61 -17.74 -5.14
CA THR A 247 -9.79 -18.71 -4.07
C THR A 247 -8.45 -19.27 -3.59
N ASP A 248 -8.18 -19.19 -2.31
CA ASP A 248 -7.09 -19.96 -1.70
C ASP A 248 -5.73 -19.63 -2.32
N THR A 249 -5.49 -18.35 -2.61
CA THR A 249 -4.27 -17.93 -3.25
C THR A 249 -3.56 -16.89 -2.39
N PRO A 250 -2.48 -17.26 -1.70
CA PRO A 250 -1.74 -16.27 -0.91
C PRO A 250 -1.09 -15.26 -1.83
N ALA A 251 -0.99 -14.03 -1.38
CA ALA A 251 -0.38 -12.95 -2.18
C ALA A 251 1.13 -13.13 -2.36
N ILE A 252 1.79 -13.68 -1.35
CA ILE A 252 3.18 -14.11 -1.44
C ILE A 252 3.20 -15.64 -1.27
N ARG A 253 4.34 -16.26 -1.58
CA ARG A 253 4.38 -17.71 -1.50
C ARG A 253 3.95 -18.17 -0.11
N GLN A 254 3.21 -19.27 -0.06
CA GLN A 254 2.63 -19.72 1.20
C GLN A 254 3.68 -19.87 2.28
N TYR A 255 4.84 -20.47 1.95
CA TYR A 255 5.84 -20.70 3.00
C TYR A 255 6.21 -19.37 3.66
N TYR A 256 6.36 -18.32 2.85
CA TYR A 256 6.72 -17.01 3.36
C TYR A 256 5.56 -16.32 4.06
N ASN A 257 4.35 -16.46 3.54
CA ASN A 257 3.18 -15.89 4.21
C ASN A 257 3.07 -16.45 5.61
N GLU A 258 3.19 -17.78 5.75
CA GLU A 258 3.06 -18.38 7.05
C GLU A 258 4.13 -17.89 8.00
N LYS A 259 5.37 -17.79 7.50
CA LYS A 259 6.48 -17.43 8.34
C LYS A 259 6.38 -15.95 8.78
N LEU A 260 6.01 -15.08 7.86
CA LEU A 260 5.94 -13.67 8.15
C LEU A 260 4.79 -13.41 9.12
N LEU A 261 3.66 -14.09 8.91
CA LEU A 261 2.54 -13.91 9.81
C LEU A 261 2.86 -14.38 11.20
N ASP A 262 3.65 -15.44 11.32
CA ASP A 262 4.05 -15.86 12.66
C ASP A 262 4.86 -14.82 13.38
N ILE A 263 5.77 -14.19 12.68
CA ILE A 263 6.53 -13.09 13.29
C ILE A 263 5.55 -11.96 13.71
N PHE A 264 4.64 -11.59 12.81
CA PHE A 264 3.73 -10.51 13.16
C PHE A 264 2.82 -10.85 14.31
N ARG A 265 2.40 -12.11 14.44
CA ARG A 265 1.57 -12.46 15.60
C ARG A 265 2.37 -12.32 16.87
N ARG A 266 3.63 -12.80 16.84
CA ARG A 266 4.46 -12.73 18.02
C ARG A 266 4.71 -11.30 18.49
N TYR A 267 4.78 -10.36 17.57
CA TYR A 267 5.08 -8.97 17.85
C TYR A 267 3.87 -8.05 17.66
N SER A 268 2.66 -8.60 17.76
CA SER A 268 1.46 -7.78 17.56
C SER A 268 1.38 -6.68 18.58
N SER A 269 1.95 -6.88 19.77
CA SER A 269 1.89 -5.83 20.76
C SER A 269 2.72 -4.59 20.41
N VAL A 270 3.71 -4.71 19.54
CA VAL A 270 4.59 -3.61 19.13
C VAL A 270 4.12 -3.01 17.83
N ILE A 271 3.46 -3.79 16.99
CA ILE A 271 3.10 -3.36 15.65
C ILE A 271 1.75 -2.64 15.73
N ALA A 272 1.77 -1.34 15.45
CA ALA A 272 0.58 -0.52 15.54
C ALA A 272 -0.08 -0.30 14.21
N GLY A 273 0.48 -0.78 13.14
CA GLY A 273 -0.14 -0.72 11.86
C GLY A 273 0.66 -1.45 10.82
N GLN A 274 -0.03 -1.94 9.80
CA GLN A 274 0.59 -2.54 8.61
C GLN A 274 -0.08 -1.96 7.36
N PHE A 275 0.73 -1.56 6.42
CA PHE A 275 0.29 -0.77 5.26
C PHE A 275 0.94 -1.34 4.00
N TYR A 276 0.11 -1.73 3.02
CA TYR A 276 0.60 -2.36 1.83
C TYR A 276 -0.04 -1.73 0.61
N GLY A 277 0.51 -2.08 -0.56
CA GLY A 277 -0.03 -1.75 -1.85
C GLY A 277 -0.19 -2.97 -2.72
N HIS A 278 0.28 -2.84 -3.98
CA HIS A 278 0.36 -3.91 -4.98
C HIS A 278 -0.96 -4.33 -5.59
N THR A 279 -2.01 -4.42 -4.79
CA THR A 279 -3.24 -4.98 -5.32
C THR A 279 -4.03 -3.94 -6.16
N HIS A 280 -3.71 -2.66 -5.95
CA HIS A 280 -4.42 -1.57 -6.57
C HIS A 280 -5.89 -1.49 -6.15
N ARG A 281 -6.19 -1.98 -4.96
CA ARG A 281 -7.55 -2.00 -4.43
C ARG A 281 -7.53 -1.53 -2.99
N ASP A 282 -8.70 -1.10 -2.51
CA ASP A 282 -8.85 -0.70 -1.10
C ASP A 282 -9.38 -1.89 -0.31
N SER A 283 -8.51 -2.52 0.47
CA SER A 283 -8.84 -3.71 1.24
C SER A 283 -8.41 -3.56 2.68
N LEU A 284 -9.16 -4.19 3.54
CA LEU A 284 -8.84 -4.40 4.95
C LEU A 284 -8.47 -5.85 5.17
N MET A 285 -7.62 -6.07 6.16
CA MET A 285 -7.37 -7.40 6.70
C MET A 285 -7.22 -7.27 8.21
N VAL A 286 -7.60 -8.31 8.92
CA VAL A 286 -7.42 -8.35 10.36
C VAL A 286 -6.65 -9.62 10.66
N LEU A 287 -5.39 -9.49 11.08
CA LEU A 287 -4.64 -10.66 11.55
C LEU A 287 -5.16 -11.09 12.91
N SER A 288 -5.55 -12.36 13.00
CA SER A 288 -6.04 -12.96 14.22
C SER A 288 -5.23 -14.21 14.54
N ASP A 289 -5.36 -14.63 15.80
CA ASP A 289 -4.77 -15.89 16.22
C ASP A 289 -5.60 -17.03 15.67
N LYS A 290 -5.14 -18.25 15.98
CA LYS A 290 -5.76 -19.47 15.45
C LYS A 290 -7.18 -19.63 15.96
N ASN A 291 -7.47 -19.02 17.12
CA ASN A 291 -8.79 -19.10 17.72
C ASN A 291 -9.69 -17.93 17.32
N GLY A 292 -9.28 -17.06 16.38
CA GLY A 292 -10.12 -15.93 15.95
C GLY A 292 -10.06 -14.68 16.84
N ASN A 293 -9.06 -14.53 17.64
CA ASN A 293 -8.94 -13.33 18.42
C ASN A 293 -8.13 -12.32 17.63
N PRO A 294 -8.64 -11.12 17.45
CA PRO A 294 -7.95 -10.15 16.59
C PRO A 294 -6.71 -9.58 17.25
N LEU A 295 -5.65 -9.50 16.41
CA LEU A 295 -4.33 -9.08 16.87
C LEU A 295 -3.81 -7.83 16.18
N ASN A 296 -4.06 -7.66 14.87
CA ASN A 296 -3.36 -6.60 14.17
C ASN A 296 -4.13 -6.19 12.92
N SER A 297 -4.32 -4.88 12.73
CA SER A 297 -5.05 -4.34 11.59
C SER A 297 -4.11 -4.10 10.42
N VAL A 298 -4.63 -4.36 9.22
CA VAL A 298 -3.87 -4.31 8.00
C VAL A 298 -4.64 -3.53 6.93
N PHE A 299 -3.98 -2.56 6.30
CA PHE A 299 -4.60 -1.60 5.39
C PHE A 299 -3.87 -1.67 4.04
N VAL A 300 -4.59 -2.13 3.02
CA VAL A 300 -4.11 -2.19 1.66
C VAL A 300 -4.72 -1.03 0.89
N ALA A 301 -3.88 -0.15 0.39
CA ALA A 301 -4.29 1.09 -0.30
C ALA A 301 -4.37 0.90 -1.77
N PRO A 302 -5.35 1.56 -2.38
CA PRO A 302 -5.46 1.51 -3.84
C PRO A 302 -4.41 2.38 -4.52
N ALA A 303 -4.26 2.13 -5.81
CA ALA A 303 -3.24 2.77 -6.62
C ALA A 303 -3.65 4.15 -7.10
N VAL A 304 -2.63 4.91 -7.49
CA VAL A 304 -2.84 6.09 -8.33
C VAL A 304 -3.21 5.69 -9.76
N THR A 305 -2.47 4.75 -10.35
CA THR A 305 -2.80 4.30 -11.70
C THR A 305 -4.19 3.67 -11.70
N PRO A 306 -4.93 3.86 -12.80
CA PRO A 306 -6.23 3.18 -12.99
C PRO A 306 -6.13 1.97 -13.93
N VAL A 307 -4.91 1.52 -14.26
CA VAL A 307 -4.75 0.52 -15.30
C VAL A 307 -5.48 -0.78 -14.99
N LYS A 308 -6.00 -1.37 -16.07
CA LYS A 308 -6.49 -2.72 -16.05
CA LYS A 308 -6.49 -2.72 -16.05
C LYS A 308 -6.14 -3.41 -17.37
N GLY A 309 -6.20 -4.70 -17.36
CA GLY A 309 -6.11 -5.40 -18.62
C GLY A 309 -7.46 -5.45 -19.34
N VAL A 310 -7.40 -5.73 -20.63
CA VAL A 310 -8.64 -5.83 -21.43
C VAL A 310 -9.59 -6.86 -20.87
N LEU A 311 -9.08 -7.95 -20.31
CA LEU A 311 -9.95 -9.03 -19.84
C LEU A 311 -10.71 -8.64 -18.59
N GLN A 312 -10.26 -7.60 -17.87
CA GLN A 312 -10.88 -7.29 -16.60
C GLN A 312 -12.13 -6.41 -16.78
N LYS A 313 -13.17 -6.71 -15.99
CA LYS A 313 -14.37 -5.89 -16.04
C LYS A 313 -14.20 -4.57 -15.32
N GLU A 314 -13.63 -4.60 -14.12
CA GLU A 314 -13.57 -3.43 -13.29
C GLU A 314 -12.14 -2.99 -13.14
N THR A 315 -12.00 -1.76 -12.65
CA THR A 315 -10.70 -1.27 -12.21
C THR A 315 -10.93 -0.33 -11.05
N ASN A 316 -9.85 0.32 -10.61
CA ASN A 316 -9.98 1.34 -9.59
C ASN A 316 -9.94 2.72 -10.21
N ASN A 317 -10.61 3.67 -9.52
CA ASN A 317 -10.23 5.06 -9.67
C ASN A 317 -8.92 5.32 -8.95
N PRO A 318 -8.17 6.33 -9.42
CA PRO A 318 -6.99 6.77 -8.66
C PRO A 318 -7.36 7.12 -7.22
N GLY A 319 -6.45 6.77 -6.30
CA GLY A 319 -6.63 7.05 -4.88
C GLY A 319 -5.36 7.48 -4.20
N VAL A 320 -5.52 8.32 -3.15
CA VAL A 320 -4.49 8.53 -2.13
C VAL A 320 -5.19 8.57 -0.78
N ARG A 321 -4.46 8.27 0.30
CA ARG A 321 -5.13 8.18 1.60
C ARG A 321 -4.27 8.78 2.70
N LEU A 322 -4.97 9.11 3.77
CA LEU A 322 -4.42 9.75 4.95
CA LEU A 322 -4.42 9.74 4.95
C LEU A 322 -4.85 8.96 6.18
N PHE A 323 -3.92 8.74 7.11
CA PHE A 323 -4.22 8.14 8.38
C PHE A 323 -4.11 9.15 9.49
N GLN A 324 -4.94 8.95 10.50
CA GLN A 324 -4.89 9.70 11.75
C GLN A 324 -4.48 8.77 12.88
N TYR A 325 -3.61 9.28 13.79
CA TYR A 325 -3.10 8.45 14.88
C TYR A 325 -2.99 9.27 16.16
N LYS A 326 -2.92 8.55 17.27
CA LYS A 326 -2.81 9.20 18.55
C LYS A 326 -1.36 9.63 18.79
N PRO A 327 -1.08 10.93 19.01
CA PRO A 327 0.30 11.38 19.16
C PRO A 327 0.99 10.70 20.31
N GLY A 328 2.25 10.38 20.10
CA GLY A 328 3.07 9.77 21.10
C GLY A 328 2.67 8.38 21.49
N ASP A 329 1.64 7.84 20.91
CA ASP A 329 1.12 6.50 21.26
C ASP A 329 0.95 5.62 20.00
N TYR A 330 0.54 6.21 18.93
CA TYR A 330 0.60 5.66 17.59
C TYR A 330 -0.54 4.71 17.24
N THR A 331 -1.49 4.55 18.14
CA THR A 331 -2.74 3.86 17.81
C THR A 331 -3.43 4.57 16.68
N LEU A 332 -3.92 3.79 15.72
CA LEU A 332 -4.59 4.35 14.56
C LEU A 332 -6.03 4.71 14.90
N LEU A 333 -6.38 5.95 14.60
CA LEU A 333 -7.68 6.50 14.92
C LEU A 333 -8.63 6.55 13.75
N ASP A 334 -8.11 6.72 12.54
CA ASP A 334 -8.99 6.84 11.39
C ASP A 334 -8.17 6.76 10.13
N MET A 335 -8.89 6.64 9.01
CA MET A 335 -8.32 6.65 7.68
CA MET A 335 -8.32 6.67 7.68
C MET A 335 -9.28 7.43 6.80
N VAL A 336 -8.74 8.34 6.01
CA VAL A 336 -9.48 9.14 5.05
C VAL A 336 -9.00 8.75 3.67
N GLN A 337 -9.89 8.23 2.85
CA GLN A 337 -9.55 7.85 1.48
C GLN A 337 -10.04 8.96 0.55
N TYR A 338 -9.12 9.46 -0.28
CA TYR A 338 -9.44 10.43 -1.32
C TYR A 338 -9.34 9.72 -2.67
N TYR A 339 -10.03 10.29 -3.68
CA TYR A 339 -9.95 9.69 -4.99
C TYR A 339 -10.18 10.74 -6.05
N LEU A 340 -9.92 10.32 -7.26
CA LEU A 340 -10.20 11.09 -8.46
C LEU A 340 -11.22 10.30 -9.28
N ASN A 341 -12.32 10.93 -9.59
CA ASN A 341 -13.26 10.31 -10.52
C ASN A 341 -12.68 10.55 -11.91
N LEU A 342 -12.02 9.51 -12.44
CA LEU A 342 -11.25 9.68 -13.65
C LEU A 342 -12.14 10.04 -14.84
N THR A 343 -13.28 9.38 -14.99
CA THR A 343 -14.13 9.73 -16.13
CA THR A 343 -14.15 9.73 -16.12
C THR A 343 -14.56 11.20 -16.07
N GLU A 344 -14.92 11.68 -14.89
CA GLU A 344 -15.36 13.06 -14.76
C GLU A 344 -14.21 14.02 -15.05
N ALA A 345 -13.02 13.71 -14.53
CA ALA A 345 -11.88 14.59 -14.68
C ALA A 345 -11.50 14.69 -16.16
N ASN A 346 -11.57 13.57 -16.88
CA ASN A 346 -11.24 13.57 -18.29
C ASN A 346 -12.29 14.29 -19.11
N LEU A 347 -13.57 14.19 -18.72
CA LEU A 347 -14.63 14.82 -19.50
C LEU A 347 -14.46 16.32 -19.51
N LYS A 348 -14.20 16.91 -18.34
CA LYS A 348 -14.11 18.35 -18.24
C LYS A 348 -12.69 18.85 -18.30
N GLY A 349 -11.72 17.96 -18.19
CA GLY A 349 -10.33 18.34 -18.28
C GLY A 349 -9.75 19.00 -17.06
N GLU A 350 -10.35 18.79 -15.90
CA GLU A 350 -9.88 19.38 -14.68
C GLU A 350 -10.03 18.34 -13.58
N SER A 351 -9.03 18.22 -12.73
CA SER A 351 -9.14 17.22 -11.71
C SER A 351 -9.90 17.80 -10.52
N ASN A 352 -10.52 16.96 -9.82
CA ASN A 352 -11.20 17.32 -8.63
C ASN A 352 -10.97 16.18 -7.67
N TRP A 353 -9.74 16.08 -7.14
CA TRP A 353 -9.46 15.06 -6.11
C TRP A 353 -10.33 15.39 -4.92
N THR A 354 -10.96 14.38 -4.35
CA THR A 354 -12.02 14.66 -3.38
C THR A 354 -12.16 13.49 -2.39
N LEU A 355 -12.81 13.77 -1.28
CA LEU A 355 -13.02 12.75 -0.26
C LEU A 355 -13.93 11.65 -0.77
N GLU A 356 -13.45 10.40 -0.60
CA GLU A 356 -14.31 9.27 -0.87
C GLU A 356 -15.04 8.88 0.40
N TYR A 357 -14.29 8.63 1.48
CA TYR A 357 -14.93 8.33 2.76
C TYR A 357 -13.93 8.47 3.88
N VAL A 358 -14.46 8.62 5.09
CA VAL A 358 -13.72 8.53 6.36
C VAL A 358 -14.13 7.20 6.97
N LEU A 359 -13.16 6.35 7.30
CA LEU A 359 -13.47 4.99 7.72
C LEU A 359 -14.46 4.93 8.91
N THR A 360 -14.20 5.70 9.98
CA THR A 360 -15.08 5.60 11.14
C THR A 360 -16.49 6.01 10.78
N GLN A 361 -16.63 7.01 9.90
CA GLN A 361 -17.96 7.52 9.54
CA GLN A 361 -17.96 7.52 9.54
C GLN A 361 -18.68 6.56 8.60
N ALA A 362 -17.95 6.00 7.67
CA ALA A 362 -18.55 5.11 6.70
C ALA A 362 -19.10 3.86 7.37
N TYR A 363 -18.34 3.33 8.33
CA TYR A 363 -18.65 2.05 8.93
C TYR A 363 -19.12 2.12 10.37
N SER A 364 -19.26 3.34 10.96
CA SER A 364 -19.70 3.51 12.34
C SER A 364 -18.88 2.65 13.29
N VAL A 365 -17.54 2.76 13.20
CA VAL A 365 -16.65 2.14 14.16
C VAL A 365 -15.91 3.25 14.89
N ALA A 366 -15.43 2.91 16.07
CA ALA A 366 -14.84 3.90 16.97
C ALA A 366 -13.43 4.32 16.59
N ASP A 367 -12.68 3.41 16.00
CA ASP A 367 -11.26 3.56 15.67
C ASP A 367 -10.85 2.38 14.82
N LEU A 368 -9.53 2.27 14.63
CA LEU A 368 -8.95 1.27 13.73
C LEU A 368 -8.28 0.12 14.48
N GLN A 369 -8.58 -0.03 15.75
CA GLN A 369 -7.97 -1.08 16.52
C GLN A 369 -8.49 -2.44 16.05
N PRO A 370 -7.68 -3.50 16.18
CA PRO A 370 -8.11 -4.81 15.71
C PRO A 370 -9.47 -5.24 16.17
N LYS A 371 -9.81 -5.03 17.43
CA LYS A 371 -11.13 -5.46 17.90
C LYS A 371 -12.25 -4.69 17.23
N SER A 372 -12.01 -3.42 16.93
CA SER A 372 -13.03 -2.60 16.26
C SER A 372 -13.28 -3.09 14.86
N LEU A 373 -12.20 -3.41 14.15
CA LEU A 373 -12.33 -3.83 12.77
C LEU A 373 -12.84 -5.26 12.70
N TYR A 374 -12.48 -6.11 13.67
CA TYR A 374 -13.01 -7.47 13.67
C TYR A 374 -14.52 -7.45 13.80
N ALA A 375 -15.04 -6.57 14.65
CA ALA A 375 -16.50 -6.49 14.80
C ALA A 375 -17.16 -6.02 13.51
N LEU A 376 -16.50 -5.09 12.80
CA LEU A 376 -17.02 -4.65 11.52
C LEU A 376 -17.09 -5.81 10.52
N VAL A 377 -16.03 -6.61 10.47
CA VAL A 377 -16.01 -7.68 9.51
C VAL A 377 -17.07 -8.72 9.84
N GLN A 378 -17.34 -8.95 11.13
CA GLN A 378 -18.46 -9.82 11.48
C GLN A 378 -19.77 -9.28 10.93
N GLN A 379 -19.95 -7.95 10.96
CA GLN A 379 -21.12 -7.35 10.31
C GLN A 379 -21.15 -7.64 8.80
N PHE A 380 -20.00 -7.53 8.13
CA PHE A 380 -19.94 -7.78 6.70
C PHE A 380 -20.49 -9.18 6.39
N ALA A 381 -20.19 -10.13 7.26
CA ALA A 381 -20.58 -11.52 7.00
C ALA A 381 -22.08 -11.75 7.07
N THR A 382 -22.86 -10.84 7.62
CA THR A 382 -24.29 -11.04 7.70
C THR A 382 -24.92 -10.93 6.33
N LYS A 383 -26.02 -11.66 6.16
CA LYS A 383 -26.66 -11.73 4.86
C LYS A 383 -27.13 -10.34 4.42
N ASP A 384 -26.82 -9.97 3.19
CA ASP A 384 -27.23 -8.67 2.62
C ASP A 384 -26.68 -7.48 3.41
N SER A 385 -25.59 -7.69 4.13
CA SER A 385 -24.96 -6.61 4.86
C SER A 385 -24.80 -5.34 4.03
N LYS A 386 -25.40 -4.25 4.51
CA LYS A 386 -25.19 -2.99 3.81
C LYS A 386 -23.77 -2.48 4.01
N GLN A 387 -23.13 -2.85 5.12
CA GLN A 387 -21.75 -2.46 5.36
C GLN A 387 -20.86 -3.10 4.32
N PHE A 388 -21.10 -4.38 4.02
CA PHE A 388 -20.26 -5.04 3.01
C PHE A 388 -20.51 -4.47 1.62
N LEU A 389 -21.76 -4.15 1.30
CA LEU A 389 -22.06 -3.55 0.00
C LEU A 389 -21.26 -2.28 -0.19
N LYS A 390 -21.17 -1.46 0.86
CA LYS A 390 -20.40 -0.24 0.80
C LYS A 390 -18.91 -0.55 0.63
N TYR A 391 -18.42 -1.52 1.39
CA TYR A 391 -17.02 -1.95 1.27
C TYR A 391 -16.69 -2.38 -0.14
N TYR A 392 -17.58 -3.17 -0.79
CA TYR A 392 -17.28 -3.65 -2.12
C TYR A 392 -17.24 -2.49 -3.12
N HIS A 393 -18.12 -1.49 -2.95
CA HIS A 393 -18.05 -0.30 -3.79
CA HIS A 393 -18.07 -0.27 -3.76
C HIS A 393 -16.75 0.45 -3.60
N TYR A 394 -16.28 0.55 -2.36
CA TYR A 394 -15.02 1.21 -2.07
C TYR A 394 -13.80 0.38 -2.48
N TYR A 395 -13.95 -0.95 -2.63
CA TYR A 395 -12.83 -1.80 -3.02
C TYR A 395 -12.26 -1.36 -4.36
N PHE A 396 -13.12 -0.91 -5.28
CA PHE A 396 -12.72 -0.36 -6.58
C PHE A 396 -12.61 1.17 -6.58
N VAL A 397 -12.55 1.78 -5.39
CA VAL A 397 -12.50 3.22 -5.24
C VAL A 397 -13.66 3.87 -6.03
N SER A 398 -14.85 3.31 -5.85
CA SER A 398 -16.08 3.89 -6.37
C SER A 398 -16.09 3.97 -7.90
N TYR A 399 -15.31 3.10 -8.55
CA TYR A 399 -15.30 3.05 -10.01
C TYR A 399 -16.66 2.67 -10.59
N ASP A 400 -17.38 1.79 -9.90
CA ASP A 400 -18.62 1.23 -10.48
C ASP A 400 -19.66 1.03 -9.39
N SER A 401 -20.62 1.95 -9.27
CA SER A 401 -21.66 1.81 -8.25
C SER A 401 -22.57 0.62 -8.52
N SER A 402 -22.56 0.06 -9.71
CA SER A 402 -23.44 -1.06 -9.96
C SER A 402 -22.72 -2.38 -9.84
N ALA A 403 -21.44 -2.36 -9.45
CA ALA A 403 -20.73 -3.62 -9.31
C ALA A 403 -21.37 -4.44 -8.20
N THR A 404 -21.51 -5.72 -8.44
CA THR A 404 -22.14 -6.61 -7.48
C THR A 404 -21.21 -7.76 -7.18
N CYS A 405 -21.36 -8.28 -5.98
CA CYS A 405 -20.55 -9.36 -5.47
C CYS A 405 -21.51 -10.49 -5.07
N ASP A 406 -21.54 -11.56 -5.86
CA ASP A 406 -22.43 -12.67 -5.60
C ASP A 406 -21.91 -13.50 -4.41
N GLN A 407 -22.63 -14.61 -4.12
CA GLN A 407 -22.33 -15.31 -2.88
C GLN A 407 -20.90 -15.79 -2.88
N HIS A 408 -20.44 -16.38 -4.00
CA HIS A 408 -19.08 -16.88 -4.05
C HIS A 408 -18.07 -15.75 -3.91
N CYS A 409 -18.32 -14.65 -4.63
CA CYS A 409 -17.44 -13.48 -4.55
CA CYS A 409 -17.44 -13.50 -4.56
C CYS A 409 -17.34 -12.98 -3.11
N LYS A 410 -18.48 -12.91 -2.45
CA LYS A 410 -18.48 -12.37 -1.10
C LYS A 410 -17.73 -13.29 -0.15
N THR A 411 -17.96 -14.59 -0.28
CA THR A 411 -17.23 -15.54 0.57
C THR A 411 -15.73 -15.35 0.43
N LEU A 412 -15.27 -15.18 -0.83
CA LEU A 412 -13.83 -14.98 -1.03
C LEU A 412 -13.36 -13.69 -0.38
N GLN A 413 -14.14 -12.63 -0.52
CA GLN A 413 -13.74 -11.35 0.07
C GLN A 413 -13.68 -11.47 1.58
N VAL A 414 -14.78 -11.90 2.22
CA VAL A 414 -14.82 -11.89 3.67
C VAL A 414 -13.81 -12.88 4.24
N CYS A 415 -13.64 -14.03 3.59
CA CYS A 415 -12.65 -14.99 4.10
CA CYS A 415 -12.65 -14.99 4.07
C CYS A 415 -11.25 -14.39 4.07
N ALA A 416 -10.90 -13.64 3.02
CA ALA A 416 -9.57 -13.02 2.93
C ALA A 416 -9.41 -11.89 3.94
N ILE A 417 -10.49 -11.14 4.19
CA ILE A 417 -10.38 -10.05 5.14
C ILE A 417 -10.05 -10.58 6.51
N MET A 418 -10.71 -11.67 6.88
CA MET A 418 -10.67 -12.23 8.22
CA MET A 418 -10.66 -12.23 8.23
C MET A 418 -9.53 -13.22 8.49
N ASN A 419 -9.03 -13.93 7.45
CA ASN A 419 -8.20 -15.11 7.69
C ASN A 419 -6.93 -15.00 6.85
N LEU A 420 -5.80 -14.68 7.49
CA LEU A 420 -4.60 -14.39 6.74
C LEU A 420 -3.72 -15.60 6.52
N ASP A 421 -3.84 -16.61 7.38
CA ASP A 421 -3.06 -17.81 7.25
C ASP A 421 -3.90 -18.97 6.67
N SER A 422 -3.18 -19.98 6.18
CA SER A 422 -3.80 -21.06 5.41
CA SER A 422 -3.80 -21.08 5.42
C SER A 422 -4.83 -21.83 6.23
N MET A 423 -4.49 -22.21 7.46
CA MET A 423 -5.42 -23.00 8.26
C MET A 423 -6.76 -22.29 8.45
N SER A 424 -6.70 -21.02 8.88
CA SER A 424 -7.92 -20.29 9.13
CA SER A 424 -7.91 -20.26 9.13
C SER A 424 -8.66 -19.96 7.84
N TYR A 425 -7.92 -19.65 6.77
CA TYR A 425 -8.56 -19.32 5.50
C TYR A 425 -9.29 -20.56 4.98
N ASP A 426 -8.61 -21.71 4.98
CA ASP A 426 -9.28 -22.90 4.46
C ASP A 426 -10.46 -23.31 5.32
N ASP A 427 -10.34 -23.12 6.66
CA ASP A 427 -11.50 -23.43 7.51
CA ASP A 427 -11.49 -23.42 7.51
C ASP A 427 -12.66 -22.51 7.17
N CYS A 428 -12.39 -21.25 6.86
CA CYS A 428 -13.47 -20.33 6.47
C CYS A 428 -14.14 -20.81 5.19
N LEU A 429 -13.34 -21.24 4.20
CA LEU A 429 -13.95 -21.80 2.99
C LEU A 429 -14.83 -22.98 3.32
N LYS A 430 -14.33 -23.85 4.18
CA LYS A 430 -15.10 -25.04 4.51
C LYS A 430 -16.45 -24.66 5.08
N GLN A 431 -16.49 -23.65 5.94
CA GLN A 431 -17.75 -23.24 6.56
C GLN A 431 -18.65 -22.51 5.60
N HIS A 432 -18.10 -21.77 4.64
CA HIS A 432 -18.92 -20.79 3.94
C HIS A 432 -19.05 -20.94 2.46
N LEU A 433 -18.25 -21.73 1.81
CA LEU A 433 -18.50 -21.88 0.40
C LEU A 433 -19.96 -22.29 0.15
C1 NAG B . -8.49 -0.39 -32.60
C2 NAG B . -8.52 -1.80 -33.14
C3 NAG B . -8.59 -1.79 -34.66
C4 NAG B . -9.66 -0.85 -35.16
C5 NAG B . -9.58 0.50 -34.47
C6 NAG B . -10.74 1.40 -34.78
C7 NAG B . -7.40 -3.36 -31.66
C8 NAG B . -6.12 -4.05 -31.30
N2 NAG B . -7.35 -2.54 -32.69
O3 NAG B . -8.89 -3.10 -35.13
O4 NAG B . -9.46 -0.69 -36.56
O5 NAG B . -9.60 0.29 -33.05
O6 NAG B . -11.96 0.78 -34.43
O7 NAG B . -8.43 -3.54 -31.02
H1 NAG B . -7.69 0.07 -32.92
H2 NAG B . -9.32 -2.24 -32.81
H3 NAG B . -7.72 -1.51 -35.03
H4 NAG B . -10.54 -1.24 -34.99
H5 NAG B . -8.74 0.94 -34.72
H61 NAG B . -10.65 2.24 -34.29
H62 NAG B . -10.74 1.59 -35.74
H81 NAG B . -6.27 -4.63 -30.53
H82 NAG B . -5.44 -3.38 -31.08
H83 NAG B . -5.82 -4.58 -32.05
HN2 NAG B . -6.56 -2.44 -33.14
HO3 NAG B . -8.17 -3.61 -35.06
C1 NAG B . -10.69 -0.96 -37.26
C2 NAG B . -10.29 -0.84 -38.71
C3 NAG B . -11.55 -0.94 -39.58
C4 NAG B . -12.23 -2.28 -39.28
C5 NAG B . -12.44 -2.50 -37.76
C6 NAG B . -12.85 -3.91 -37.42
C7 NAG B . -10.12 1.60 -38.73
C8 NAG B . -9.21 2.77 -38.96
N2 NAG B . -9.57 0.40 -38.94
O3 NAG B . -11.25 -0.83 -40.96
O4 NAG B . -13.48 -2.34 -39.96
O5 NAG B . -11.23 -2.25 -37.03
O6 NAG B . -11.72 -4.77 -37.55
O7 NAG B . -11.29 1.72 -38.39
H1 NAG B . -11.35 -0.28 -37.04
H2 NAG B . -9.71 -1.59 -38.94
H3 NAG B . -12.16 -0.22 -39.33
H4 NAG B . -11.67 -3.00 -39.62
H5 NAG B . -13.13 -1.88 -37.44
H61 NAG B . -13.55 -4.20 -38.02
H62 NAG B . -13.18 -3.93 -36.50
H81 NAG B . -9.71 3.60 -38.78
H82 NAG B . -8.91 2.77 -39.89
H83 NAG B . -8.45 2.72 -38.36
HN2 NAG B . -8.69 0.35 -39.18
HO3 NAG B . -11.05 0.02 -41.15
HO4 NAG B . -13.94 -1.58 -39.84
HO6 NAG B . -11.23 -4.50 -38.24
C1 FUC B . -13.07 1.47 -35.03
C2 FUC B . -14.32 0.59 -34.90
C3 FUC B . -14.74 0.48 -33.37
C4 FUC B . -14.96 1.92 -32.77
C5 FUC B . -13.70 2.78 -33.02
C6 FUC B . -13.82 4.27 -32.67
O2 FUC B . -14.16 -0.66 -35.49
O3 FUC B . -15.94 -0.30 -33.21
O4 FUC B . -16.13 2.58 -33.34
O5 FUC B . -13.29 2.78 -34.41
H1 FUC B . -12.85 1.67 -36.09
H2 FUC B . -15.13 1.09 -35.44
H3 FUC B . -13.91 0.00 -32.82
H4 FUC B . -15.07 1.83 -31.68
H5 FUC B . -12.89 2.32 -32.43
H61 FUC B . -12.89 4.80 -32.88
H62 FUC B . -14.06 4.38 -31.60
H63 FUC B . -14.63 4.74 -33.25
HO3 FUC B . -16.68 0.31 -33.32
HO4 FUC B . -16.23 3.40 -32.83
C1 NAG C . 9.36 13.46 -14.85
C2 NAG C . 10.07 14.83 -14.90
C3 NAG C . 9.19 15.85 -15.57
C4 NAG C . 8.67 15.37 -16.90
C5 NAG C . 8.06 13.96 -16.84
C6 NAG C . 7.85 13.43 -18.25
C7 NAG C . 11.59 15.10 -13.02
C8 NAG C . 11.74 15.57 -11.60
N2 NAG C . 10.39 15.29 -13.56
O3 NAG C . 9.99 17.00 -15.82
O4 NAG C . 7.71 16.32 -17.34
O5 NAG C . 8.96 13.06 -16.17
O6 NAG C . 7.77 12.02 -18.37
O7 NAG C . 12.49 14.58 -13.63
H1 NAG C . 8.58 13.52 -14.27
H2 NAG C . 10.89 14.74 -15.42
H3 NAG C . 8.44 16.09 -14.99
H4 NAG C . 9.41 15.36 -17.54
H5 NAG C . 7.20 14.00 -16.37
H61 NAG C . 7.02 13.81 -18.60
H62 NAG C . 8.59 13.74 -18.81
H81 NAG C . 12.64 15.40 -11.29
H82 NAG C . 11.56 16.53 -11.55
H83 NAG C . 11.10 15.10 -11.03
HN2 NAG C . 9.73 15.67 -13.07
HO3 NAG C . 10.63 16.79 -16.40
C1 NAG C . 8.09 16.59 -18.71
C2 NAG C . 7.11 17.58 -19.31
C3 NAG C . 7.39 17.66 -20.80
C4 NAG C . 8.79 18.26 -20.94
C5 NAG C . 9.82 17.43 -20.16
C6 NAG C . 11.18 18.08 -20.06
C7 NAG C . 5.11 16.12 -19.34
C8 NAG C . 3.69 15.98 -18.86
N2 NAG C . 5.71 17.25 -18.99
O3 NAG C . 6.37 18.33 -21.53
O4 NAG C . 9.18 18.38 -22.31
O5 NAG C . 9.42 17.16 -18.81
O6 NAG C . 12.04 17.22 -19.34
O7 NAG C . 5.65 15.27 -20.02
H1 NAG C . 8.07 15.76 -19.22
H2 NAG C . 7.30 18.45 -18.93
H3 NAG C . 7.43 16.74 -21.14
H4 NAG C . 8.77 19.16 -20.56
H5 NAG C . 9.94 16.57 -20.62
H61 NAG C . 11.10 18.94 -19.58
H62 NAG C . 11.54 18.23 -20.95
H81 NAG C . 3.15 16.71 -19.22
H82 NAG C . 3.67 16.02 -17.88
H83 NAG C . 3.33 15.12 -19.16
HN2 NAG C . 5.26 17.84 -18.47
HO3 NAG C . 5.96 17.76 -22.07
HO4 NAG C . 9.65 17.66 -22.54
HO6 NAG C . 11.57 16.73 -18.76
C1 NAG D . -17.92 9.77 -11.73
C2 NAG D . -19.14 9.31 -10.96
C3 NAG D . -20.07 8.56 -11.89
C4 NAG D . -20.35 9.37 -13.15
C5 NAG D . -19.06 9.93 -13.77
C6 NAG D . -19.27 10.91 -14.90
C7 NAG D . -19.09 8.68 -8.57
C8 NAG D . -18.51 7.70 -7.57
N2 NAG D . -18.72 8.48 -9.84
O3 NAG D . -21.29 8.29 -11.18
O4 NAG D . -20.95 8.51 -14.13
O5 NAG D . -18.32 10.63 -12.77
O6 NAG D . -20.18 11.91 -14.43
O7 NAG D . -19.88 9.58 -8.26
H1 NAG D . -17.47 8.98 -12.11
H2 NAG D . -19.60 10.10 -10.60
H3 NAG D . -19.66 7.71 -12.14
H4 NAG D . -20.95 10.11 -12.95
H5 NAG D . -18.52 9.18 -14.11
H61 NAG D . -18.42 11.32 -15.15
H62 NAG D . -19.66 10.45 -15.68
H81 NAG D . -17.54 7.76 -7.59
H82 NAG D . -18.79 6.80 -7.80
H83 NAG D . -18.84 7.93 -6.68
HN2 NAG D . -18.13 7.80 -10.01
HO3 NAG D . -21.50 7.42 -11.27
HO6 NAG D . -19.76 12.69 -14.39
C1 NAG D . -22.20 8.94 -14.60
C2 NAG D . -22.47 8.18 -15.93
C3 NAG D . -23.87 8.49 -16.43
C4 NAG D . -24.89 8.25 -15.33
C5 NAG D . -24.49 9.08 -14.11
C6 NAG D . -25.47 8.92 -12.96
C7 NAG D . -20.49 7.80 -17.36
C8 NAG D . -19.65 8.37 -18.47
N2 NAG D . -21.51 8.56 -16.96
O3 NAG D . -24.13 7.66 -17.55
O4 NAG D . -26.17 8.70 -15.76
O5 NAG D . -23.21 8.63 -13.65
O6 NAG D . -25.43 7.58 -12.50
O7 NAG D . -20.22 6.71 -16.83
H1 NAG D . -22.18 9.90 -14.76
H2 NAG D . -22.41 7.22 -15.77
H3 NAG D . -23.91 9.42 -16.70
H4 NAG D . -24.93 7.32 -15.10
H5 NAG D . -24.44 10.02 -14.35
H61 NAG D . -26.36 9.14 -13.26
H62 NAG D . -25.20 9.51 -12.23
H81 NAG D . -20.20 8.53 -19.25
H82 NAG D . -19.26 9.23 -18.18
H83 NAG D . -18.93 7.76 -18.69
HN2 NAG D . -21.65 9.35 -17.40
HO3 NAG D . -24.99 7.70 -17.75
HO6 NAG D . -25.71 7.03 -13.15
C1 BMA D . -27.16 7.67 -15.63
C2 BMA D . -28.48 8.33 -15.93
C3 BMA D . -29.64 7.29 -15.84
C4 BMA D . -29.33 5.94 -16.52
C5 BMA D . -27.87 5.46 -16.38
C6 BMA D . -27.50 4.44 -17.47
O2 BMA D . -28.42 8.81 -17.26
O3 BMA D . -30.87 7.78 -16.41
O4 BMA D . -30.20 4.96 -15.97
O5 BMA D . -26.93 6.58 -16.52
O6 BMA D . -26.36 3.75 -16.97
H1 BMA D . -27.17 7.29 -14.59
H2 BMA D . -28.65 9.15 -15.22
H3 BMA D . -29.86 7.09 -14.78
H4 BMA D . -29.52 6.07 -17.60
H5 BMA D . -27.73 4.98 -15.40
H61 BMA D . -27.28 4.98 -18.40
H62 BMA D . -28.35 3.78 -17.62
HO4 BMA D . -30.37 4.32 -16.69
C1 MAN D . -31.82 8.30 -15.45
C2 MAN D . -32.74 9.33 -16.20
C3 MAN D . -32.33 10.77 -15.83
C4 MAN D . -32.38 11.02 -14.31
C5 MAN D . -31.79 9.83 -13.49
C6 MAN D . -32.80 9.08 -12.60
O2 MAN D . -34.10 9.19 -15.84
O3 MAN D . -33.14 11.74 -16.48
O4 MAN D . -31.63 12.22 -13.98
O5 MAN D . -31.13 8.88 -14.37
O6 MAN D . -32.06 8.29 -11.65
H1 MAN D . -32.41 7.49 -15.01
H2 MAN D . -32.61 9.18 -17.28
H3 MAN D . -31.31 10.95 -16.18
H4 MAN D . -33.44 11.13 -14.02
H5 MAN D . -31.03 10.25 -12.83
H61 MAN D . -33.45 8.45 -13.23
H62 MAN D . -33.44 9.83 -12.10
HO2 MAN D . -34.56 10.03 -15.98
HO3 MAN D . -32.80 12.60 -16.19
HO4 MAN D . -31.92 12.46 -13.08
HO6 MAN D . -32.70 7.88 -11.05
C1 MAN D . -25.35 3.36 -17.95
C2 MAN D . -24.11 4.43 -17.87
C3 MAN D . -23.88 5.22 -19.17
C4 MAN D . -24.14 4.35 -20.36
C5 MAN D . -25.62 4.06 -20.37
C6 MAN D . -26.10 3.37 -21.66
O2 MAN D . -22.87 3.77 -17.58
O3 MAN D . -22.56 5.82 -19.24
O4 MAN D . -23.79 5.03 -21.56
O5 MAN D . -25.95 3.16 -19.28
O6 MAN D . -27.47 3.71 -21.86
H1 MAN D . -24.97 2.36 -17.70
H2 MAN D . -24.35 5.14 -17.06
H3 MAN D . -24.59 6.05 -19.19
H4 MAN D . -23.58 3.40 -20.26
H5 MAN D . -26.17 5.00 -20.26
H61 MAN D . -25.96 2.29 -21.54
H62 MAN D . -25.46 3.72 -22.48
HO2 MAN D . -22.51 4.12 -16.75
HO3 MAN D . -22.67 6.71 -18.86
HO4 MAN D . -23.29 4.39 -22.07
HO6 MAN D . -28.01 3.09 -21.37
C1 NAG E . 15.20 -10.13 22.52
C2 NAG E . 15.92 -11.49 22.42
C3 NAG E . 16.27 -12.05 23.80
C4 NAG E . 16.88 -10.98 24.69
C5 NAG E . 16.02 -9.73 24.63
C6 NAG E . 16.62 -8.59 25.38
C7 NAG E . 15.37 -12.83 20.47
C8 NAG E . 14.41 -13.81 19.87
N2 NAG E . 15.09 -12.43 21.71
O3 NAG E . 17.17 -13.14 23.63
O4 NAG E . 16.94 -11.42 26.04
O5 NAG E . 15.93 -9.28 23.28
O6 NAG E . 18.00 -8.57 25.03
O7 NAG E . 16.33 -12.39 19.86
H1 NAG E . 14.33 -10.26 22.94
H2 NAG E . 16.75 -11.36 21.91
H3 NAG E . 15.45 -12.37 24.23
H4 NAG E . 17.79 -10.77 24.38
H5 NAG E . 15.13 -9.92 24.98
H61 NAG E . 16.52 -8.73 26.34
H62 NAG E . 16.19 -7.75 25.12
H81 NAG E . 14.40 -14.63 20.42
H82 NAG E . 14.70 -14.04 18.97
H83 NAG E . 13.52 -13.43 19.83
HN2 NAG E . 14.35 -12.78 22.13
HO3 NAG E . 17.41 -13.45 24.43
C1 NAG E . 18.18 -12.00 26.53
C2 NAG E . 18.31 -11.66 28.01
C3 NAG E . 19.55 -12.35 28.61
C4 NAG E . 19.50 -13.85 28.36
C5 NAG E . 19.34 -14.12 26.87
C6 NAG E . 19.09 -15.59 26.58
C7 NAG E . 17.44 -9.54 28.91
C8 NAG E . 17.66 -8.05 29.04
N2 NAG E . 18.37 -10.22 28.22
O3 NAG E . 19.58 -12.12 30.02
O4 NAG E . 20.69 -14.47 28.83
O5 NAG E . 18.19 -13.41 26.35
O6 NAG E . 19.52 -15.97 25.28
O7 NAG E . 16.46 -10.10 29.39
H1 NAG E . 18.93 -11.61 26.04
H2 NAG E . 17.53 -12.00 28.47
H3 NAG E . 20.36 -11.98 28.21
H4 NAG E . 18.73 -14.22 28.83
H5 NAG E . 20.14 -13.83 26.39
H61 NAG E . 18.14 -15.77 26.67
H62 NAG E . 19.58 -16.13 27.24
H81 NAG E . 18.50 -7.89 29.50
H82 NAG E . 16.93 -7.67 29.55
H83 NAG E . 17.69 -7.65 28.15
HN2 NAG E . 19.08 -9.76 27.89
HO3 NAG E . 19.74 -12.89 30.44
HO4 NAG E . 20.48 -15.24 29.24
HO6 NAG E . 18.97 -16.59 24.96
C1 FUC E . 18.36 -7.20 25.19
C2 FUC E . 19.92 -7.10 25.36
C3 FUC E . 20.62 -6.46 24.11
C4 FUC E . 20.03 -5.06 23.85
C5 FUC E . 18.45 -5.05 23.90
C6 FUC E . 17.86 -4.07 24.97
O2 FUC E . 20.56 -8.36 25.66
O3 FUC E . 22.02 -6.32 24.42
O4 FUC E . 20.56 -4.12 24.83
O5 FUC E . 17.88 -6.41 24.06
H1 FUC E . 17.86 -6.79 26.07
H2 FUC E . 20.11 -6.44 26.22
H3 FUC E . 20.47 -7.11 23.22
H4 FUC E . 20.32 -4.75 22.84
H5 FUC E . 18.14 -4.70 22.90
H61 FUC E . 16.78 -4.12 24.97
H62 FUC E . 18.19 -3.05 24.75
H63 FUC E . 18.22 -4.35 25.97
HO2 FUC E . 19.84 -9.00 25.74
HO3 FUC E . 22.21 -5.37 24.37
HO4 FUC E . 20.49 -3.25 24.40
ZN ZN F . 1.29 -1.87 -8.96
ZN ZN G . 3.09 -4.64 -7.49
C1 NAG H . -15.72 17.58 -6.74
C2 NAG H . -16.99 18.34 -7.04
C3 NAG H . -17.56 18.79 -5.72
C4 NAG H . -17.75 17.58 -4.79
C5 NAG H . -17.08 16.24 -5.23
C6 NAG H . -18.08 15.18 -5.69
C7 NAG H . -17.67 20.42 -8.22
C8 NAG H . -17.27 21.42 -9.26
N2 NAG H . -16.76 19.46 -7.95
O3 NAG H . -18.81 19.45 -5.90
O4 NAG H . -17.23 17.89 -3.51
O5 NAG H . -16.07 16.33 -6.26
O6 NAG H . -18.09 14.04 -4.84
O7 NAG H . -18.75 20.47 -7.66
H1 NAG H . -15.22 18.06 -6.07
H2 NAG H . -17.62 17.74 -7.45
H3 NAG H . -16.94 19.41 -5.30
H4 NAG H . -18.71 17.41 -4.71
H5 NAG H . -16.65 15.88 -4.43
H61 NAG H . -17.84 14.89 -6.59
H62 NAG H . -18.97 15.58 -5.71
H81 NAG H . -16.46 21.89 -8.96
H82 NAG H . -17.99 22.06 -9.39
H83 NAG H . -17.08 20.97 -10.11
HN2 NAG H . -16.00 19.46 -8.44
HO3 NAG H . -18.96 19.98 -5.21
HO4 NAG H . -17.70 17.46 -2.88
HO6 NAG H . -18.13 14.31 -3.99
S SO4 I . 1.38 -4.82 -9.91
O1 SO4 I . 1.40 -3.66 -10.83
O2 SO4 I . 1.62 -5.56 -11.19
O3 SO4 I . 2.66 -5.39 -9.42
O4 SO4 I . 0.20 -5.69 -9.79
C1 GOL J . 0.51 18.12 3.12
O1 GOL J . -0.01 17.34 4.18
C2 GOL J . 1.67 18.95 3.66
O2 GOL J . 2.31 18.34 4.77
C3 GOL J . 2.65 19.23 2.53
O3 GOL J . 2.25 20.39 1.85
H11 GOL J . 0.86 17.47 2.32
H12 GOL J . -0.26 18.78 2.72
HO1 GOL J . -0.80 16.85 3.87
H2 GOL J . 1.26 19.91 3.98
HO2 GOL J . 2.72 17.49 4.49
H31 GOL J . 3.65 19.35 2.93
H32 GOL J . 2.66 18.38 1.84
HO3 GOL J . 2.91 20.61 1.16
C1 GOL K . -12.76 -9.65 -14.19
O1 GOL K . -13.70 -10.30 -14.99
C2 GOL K . -13.50 -8.74 -13.27
O2 GOL K . -14.04 -9.34 -12.12
C3 GOL K . -12.51 -7.79 -12.80
O3 GOL K . -13.19 -6.67 -12.46
H11 GOL K . -12.18 -10.38 -13.63
H12 GOL K . -12.07 -9.07 -14.82
HO1 GOL K . -13.25 -10.85 -15.66
H2 GOL K . -14.27 -8.21 -13.83
HO2 GOL K . -13.32 -9.79 -11.62
H31 GOL K . -11.98 -8.20 -11.94
H32 GOL K . -11.79 -7.57 -13.59
C1 GOL L . -1.98 -3.59 -18.29
O1 GOL L . -2.17 -4.19 -19.54
C2 GOL L . -1.73 -4.78 -17.35
O2 GOL L . -0.41 -5.25 -17.56
C3 GOL L . -1.83 -4.44 -15.88
O3 GOL L . -3.19 -4.49 -15.49
H11 GOL L . -1.11 -2.93 -18.31
H12 GOL L . -2.86 -3.03 -17.98
HO1 GOL L . -2.40 -3.50 -20.20
H2 GOL L . -2.45 -5.58 -17.58
HO2 GOL L . 0.22 -4.54 -17.31
H31 GOL L . -1.25 -5.14 -15.29
H32 GOL L . -1.44 -3.44 -15.71
HO3 GOL L . -3.44 -3.63 -15.09
C1 GOL M . 21.06 0.69 -18.74
O1 GOL M . 20.45 -0.49 -18.30
C2 GOL M . 20.63 0.98 -20.15
O2 GOL M . 20.39 -0.23 -20.85
C3 GOL M . 19.43 1.92 -20.20
O3 GOL M . 18.72 1.74 -21.41
H11 GOL M . 20.78 1.52 -18.09
H12 GOL M . 22.14 0.59 -18.70
HO1 GOL M . 20.79 -0.71 -17.40
H2 GOL M . 21.46 1.49 -20.65
HO2 GOL M . 19.62 -0.68 -20.44
H31 GOL M . 18.77 1.72 -19.35
H32 GOL M . 19.77 2.95 -20.12
HO3 GOL M . 17.94 2.33 -21.43
C1 GOL N . -3.50 -4.10 -12.23
O1 GOL N . -2.12 -4.03 -12.56
C2 GOL N . -3.69 -5.08 -11.08
O2 GOL N . -2.74 -4.86 -10.07
C3 GOL N . -5.08 -4.99 -10.49
O3 GOL N . -5.91 -5.97 -11.09
H11 GOL N . -3.86 -3.11 -11.94
H12 GOL N . -4.07 -4.43 -13.10
HO1 GOL N . -1.99 -3.45 -13.34
H2 GOL N . -3.56 -6.09 -11.48
HO2 GOL N . -2.88 -3.97 -9.68
H31 GOL N . -5.04 -5.15 -9.41
H32 GOL N . -5.50 -3.99 -10.66
HO3 GOL N . -5.85 -6.80 -10.58
C1 GOL O . -12.83 -2.72 -21.41
O1 GOL O . -11.53 -3.21 -21.65
C2 GOL O . -12.75 -1.26 -20.95
O2 GOL O . -12.27 -0.42 -21.96
C3 GOL O . -14.12 -0.83 -20.41
O3 GOL O . -14.06 0.49 -19.93
H11 GOL O . -13.42 -2.78 -22.34
H12 GOL O . -13.32 -3.33 -20.66
HO1 GOL O . -11.58 -4.16 -21.89
H2 GOL O . -12.06 -1.23 -20.12
HO2 GOL O . -12.90 -0.41 -22.70
H31 GOL O . -14.86 -0.90 -21.20
H32 GOL O . -14.43 -1.50 -19.61
HO3 GOL O . -13.26 0.94 -20.30
C1 GOL P . -22.44 -11.48 17.01
O1 GOL P . -22.72 -10.09 17.04
C2 GOL P . -21.40 -11.77 15.92
O2 GOL P . -20.36 -10.84 15.99
C3 GOL P . -20.87 -13.20 16.09
O3 GOL P . -19.47 -13.20 16.18
H11 GOL P . -22.05 -11.81 17.97
H12 GOL P . -23.35 -12.04 16.81
HO1 GOL P . -23.42 -9.92 17.70
H2 GOL P . -21.90 -11.70 14.95
HO2 GOL P . -19.90 -10.92 16.86
H31 GOL P . -21.30 -13.64 16.99
H32 GOL P . -21.18 -13.80 15.23
HO3 GOL P . -19.12 -14.06 15.87
C1 GOL Q . -11.38 13.50 8.99
O1 GOL Q . -12.56 13.48 9.77
C2 GOL Q . -11.28 14.81 8.22
O2 GOL Q . -9.94 15.20 8.10
C3 GOL Q . -11.95 14.70 6.84
O3 GOL Q . -11.59 15.81 6.05
H11 GOL Q . -10.52 13.39 9.63
H12 GOL Q . -11.39 12.66 8.29
HO1 GOL Q . -12.64 12.60 10.20
H2 GOL Q . -11.82 15.57 8.78
HO2 GOL Q . -9.44 14.54 7.56
H31 GOL Q . -11.63 13.77 6.35
H32 GOL Q . -13.03 14.65 6.95
HO3 GOL Q . -11.58 15.55 5.10
C1 GOL R . 21.70 -7.03 7.91
O1 GOL R . 21.16 -6.34 6.82
C2 GOL R . 20.86 -8.27 8.19
O2 GOL R . 21.45 -9.37 7.53
C3 GOL R . 20.77 -8.47 9.71
O3 GOL R . 20.45 -9.80 10.08
H11 GOL R . 22.72 -7.33 7.69
H12 GOL R . 21.71 -6.40 8.80
HO1 GOL R . 21.67 -5.50 6.69
H2 GOL R . 19.84 -8.12 7.80
HO2 GOL R . 22.36 -9.50 7.87
H31 GOL R . 21.73 -8.21 10.16
H32 GOL R . 20.03 -7.79 10.12
HO3 GOL R . 20.34 -9.86 11.05
C1 GOL S . 2.39 15.10 14.90
O1 GOL S . 3.80 15.11 15.12
C2 GOL S . 1.57 14.90 16.18
O2 GOL S . 2.45 14.87 17.28
C3 GOL S . 0.48 16.00 16.33
O3 GOL S . 0.25 16.38 17.69
H11 GOL S . 2.10 16.05 14.45
H12 GOL S . 2.15 14.31 14.20
HO1 GOL S . 4.27 15.17 14.26
H2 GOL S . 1.06 13.94 16.10
HO2 GOL S . 2.89 15.75 17.37
H31 GOL S . 0.79 16.88 15.77
H32 GOL S . -0.45 15.63 15.90
HO3 GOL S . -0.69 16.21 17.91
C1 GOL T . -18.88 17.11 -12.10
O1 GOL T . -18.40 18.20 -11.35
C2 GOL T . -20.40 16.93 -12.10
O2 GOL T . -20.71 15.59 -12.48
C3 GOL T . -21.02 17.27 -10.74
O3 GOL T . -22.38 17.60 -10.91
H11 GOL T . -18.55 17.23 -13.13
H12 GOL T . -18.43 16.19 -11.72
HO1 GOL T . -17.42 18.19 -11.36
H2 GOL T . -20.82 17.62 -12.83
HO2 GOL T . -20.37 14.97 -11.81
H31 GOL T . -20.92 16.42 -10.07
H32 GOL T . -20.50 18.11 -10.30
HO3 GOL T . -22.77 17.82 -10.05
C1 GOL U . 23.16 -7.50 -9.82
O1 GOL U . 22.62 -7.82 -8.52
C2 GOL U . 22.54 -6.28 -10.55
O2 GOL U . 23.06 -5.03 -10.23
C3 GOL U . 22.78 -6.12 -12.04
O3 GOL U . 22.14 -4.90 -12.43
H11 GOL U . 24.23 -7.34 -9.73
H12 GOL U . 23.02 -8.38 -10.45
HO1 GOL U . 23.04 -8.64 -8.18
H2 GOL U . 21.46 -6.26 -10.38
HO2 GOL U . 24.00 -5.00 -10.52
H31 GOL U . 23.85 -6.06 -12.24
H32 GOL U . 22.36 -6.96 -12.59
HO3 GOL U . 22.42 -4.17 -11.84
#